data_2C1N
#
_entry.id   2C1N
#
_cell.length_a   71.135
_cell.length_b   72.375
_cell.length_c   71.171
_cell.angle_alpha   90.00
_cell.angle_beta   103.04
_cell.angle_gamma   90.00
#
_symmetry.space_group_name_H-M   'P 1 21 1'
#
loop_
_entity.id
_entity.type
_entity.pdbx_description
1 polymer '14-3-3 PROTEIN ZETA/DELTA'
2 polymer 'HISTONE H3 ACETYLPHOSPHOPEPTIDE'
3 water water
#
loop_
_entity_poly.entity_id
_entity_poly.type
_entity_poly.pdbx_seq_one_letter_code
_entity_poly.pdbx_strand_id
1 'polypeptide(L)'
;MGSSHHHHHHSQDMDKNELVQKAKLAEQAERYDDMAACMKSVTEQGAELSNEERNLLSVAYKNVVGARRSSWRVVSSIEQ
KTEGAEKKQQMAREYREKIETELRDICNDVLSLLEKFLIPNASQAESKVFYLKMKGDYYRYLAEVAAGDDKKGIVDQSQQ
AYQEAFEISKKEMQPTHPIRLGLALNFSVFYYEILNSPEKACSLAKTAFDEAIAELDTLSEESYKDSTLIMQLLRDNLTL
WTSDTQGDEAEAGEGGEN
;
A,B
2 'polypeptide(L)' ARK(SEP)TGGK C,E
#
# COMPACT_ATOMS: atom_id res chain seq x y z
N MET A 14 11.38 -15.67 18.27
CA MET A 14 10.08 -16.41 18.24
C MET A 14 10.27 -17.85 17.78
N ASP A 15 9.25 -18.70 18.03
CA ASP A 15 9.26 -20.09 17.55
C ASP A 15 8.45 -20.25 16.27
N LYS A 16 8.75 -21.29 15.50
CA LYS A 16 8.18 -21.49 14.16
C LYS A 16 6.67 -21.27 14.08
N ASN A 17 5.96 -21.63 15.14
CA ASN A 17 4.51 -21.53 15.18
C ASN A 17 4.01 -20.11 15.45
N GLU A 18 4.80 -19.33 16.17
CA GLU A 18 4.50 -17.94 16.48
C GLU A 18 4.76 -17.07 15.26
N LEU A 19 5.89 -17.31 14.60
CA LEU A 19 6.26 -16.60 13.38
C LEU A 19 5.21 -16.76 12.31
N VAL A 20 4.72 -17.98 12.14
CA VAL A 20 3.67 -18.24 11.18
C VAL A 20 2.38 -17.51 11.55
N GLN A 21 2.05 -17.44 12.85
CA GLN A 21 0.80 -16.79 13.22
C GLN A 21 0.97 -15.27 13.17
N LYS A 22 2.19 -14.81 13.41
CA LYS A 22 2.51 -13.39 13.21
C LYS A 22 2.53 -13.03 11.71
N ALA A 23 2.78 -14.02 10.85
CA ALA A 23 2.88 -13.75 9.44
C ALA A 23 1.46 -13.62 8.91
N LYS A 24 0.53 -14.33 9.55
CA LYS A 24 -0.87 -14.33 9.12
C LYS A 24 -1.59 -13.04 9.58
N LEU A 25 -1.21 -12.55 10.76
CA LEU A 25 -1.57 -11.24 11.29
C LEU A 25 -1.10 -10.06 10.45
N ALA A 26 0.17 -10.07 10.04
CA ALA A 26 0.74 -9.06 9.15
C ALA A 26 0.00 -8.94 7.82
N GLU A 27 -0.45 -10.07 7.28
CA GLU A 27 -1.08 -10.11 5.97
C GLU A 27 -2.45 -9.47 5.99
N GLN A 28 -3.13 -9.67 7.12
CA GLN A 28 -4.40 -9.07 7.33
C GLN A 28 -4.23 -7.59 7.61
N ALA A 29 -3.15 -7.20 8.25
CA ALA A 29 -2.80 -5.78 8.45
C ALA A 29 -2.29 -5.09 7.17
N GLU A 30 -2.01 -5.86 6.11
CA GLU A 30 -1.24 -5.42 4.92
C GLU A 30 0.14 -4.85 5.24
N ARG A 31 0.87 -5.57 6.06
CA ARG A 31 2.19 -5.14 6.47
C ARG A 31 3.14 -6.23 5.95
N TYR A 32 3.59 -6.08 4.69
CA TYR A 32 4.17 -7.21 3.96
C TYR A 32 5.60 -7.46 4.24
N ASP A 33 6.34 -6.40 4.51
CA ASP A 33 7.70 -6.57 4.99
C ASP A 33 7.79 -7.38 6.31
N ASP A 34 6.93 -7.09 7.28
CA ASP A 34 6.79 -7.88 8.52
C ASP A 34 6.49 -9.34 8.20
N MET A 35 5.52 -9.55 7.32
CA MET A 35 5.13 -10.89 6.98
C MET A 35 6.20 -11.69 6.27
N ALA A 36 7.10 -11.02 5.56
CA ALA A 36 8.20 -11.67 4.87
C ALA A 36 9.37 -11.91 5.83
N ALA A 37 9.56 -11.00 6.77
CA ALA A 37 10.59 -11.18 7.79
C ALA A 37 10.42 -12.44 8.63
N CYS A 38 9.20 -12.65 9.14
CA CYS A 38 8.78 -13.88 9.83
C CYS A 38 8.94 -15.14 8.98
N MET A 39 8.35 -15.13 7.79
CA MET A 39 8.44 -16.28 6.86
C MET A 39 9.84 -16.57 6.36
N LYS A 40 10.67 -15.54 6.30
CA LYS A 40 12.09 -15.72 5.98
C LYS A 40 12.79 -16.34 7.18
N SER A 41 12.39 -15.96 8.39
CA SER A 41 12.93 -16.54 9.63
C SER A 41 12.49 -17.99 9.86
N VAL A 42 11.27 -18.31 9.46
CA VAL A 42 10.77 -19.67 9.44
C VAL A 42 11.64 -20.49 8.50
N THR A 43 11.83 -19.99 7.27
CA THR A 43 12.62 -20.66 6.23
C THR A 43 14.03 -20.97 6.74
N GLU A 44 14.63 -20.04 7.46
CA GLU A 44 16.05 -20.16 7.82
C GLU A 44 16.28 -21.15 8.95
N GLN A 45 15.20 -21.79 9.41
CA GLN A 45 15.30 -22.87 10.40
C GLN A 45 15.63 -24.24 9.76
N GLY A 46 15.86 -24.24 8.44
CA GLY A 46 16.39 -25.40 7.72
C GLY A 46 15.50 -26.63 7.65
N ALA A 47 14.37 -26.60 8.34
CA ALA A 47 13.36 -27.63 8.19
C ALA A 47 12.49 -27.24 7.00
N GLU A 48 12.09 -28.25 6.21
CA GLU A 48 11.26 -28.05 5.04
C GLU A 48 9.94 -27.37 5.41
N LEU A 49 9.38 -26.59 4.49
CA LEU A 49 8.14 -25.85 4.78
C LEU A 49 6.89 -26.61 4.34
N SER A 50 5.81 -26.45 5.10
CA SER A 50 4.51 -27.01 4.78
C SER A 50 3.81 -26.20 3.68
N ASN A 51 2.78 -26.77 3.07
CA ASN A 51 1.99 -26.09 2.05
C ASN A 51 1.58 -24.68 2.48
N GLU A 52 1.06 -24.56 3.70
CA GLU A 52 0.60 -23.30 4.29
C GLU A 52 1.75 -22.28 4.47
N GLU A 53 2.85 -22.71 5.05
CA GLU A 53 4.03 -21.87 5.20
C GLU A 53 4.58 -21.43 3.84
N ARG A 54 4.49 -22.33 2.86
CA ARG A 54 5.02 -22.11 1.53
C ARG A 54 4.22 -21.03 0.82
N ASN A 55 2.90 -21.14 0.85
CA ASN A 55 2.03 -20.09 0.33
C ASN A 55 2.18 -18.72 1.03
N LEU A 56 2.56 -18.74 2.32
CA LEU A 56 2.71 -17.51 3.11
C LEU A 56 3.99 -16.77 2.80
N LEU A 57 5.07 -17.52 2.60
CA LEU A 57 6.34 -16.98 2.13
C LEU A 57 6.20 -16.36 0.73
N SER A 58 5.48 -17.06 -0.13
CA SER A 58 5.21 -16.64 -1.51
C SER A 58 4.29 -15.41 -1.62
N VAL A 59 3.16 -15.44 -0.92
CA VAL A 59 2.32 -14.23 -0.80
C VAL A 59 3.13 -13.06 -0.18
N ALA A 60 3.97 -13.34 0.81
CA ALA A 60 4.69 -12.23 1.45
C ALA A 60 5.55 -11.51 0.41
N TYR A 61 6.46 -12.26 -0.21
CA TYR A 61 7.46 -11.68 -1.07
C TYR A 61 6.83 -11.22 -2.40
N LYS A 62 5.71 -11.81 -2.81
CA LYS A 62 4.97 -11.31 -3.98
C LYS A 62 4.58 -9.81 -3.83
N ASN A 63 4.13 -9.45 -2.64
CA ASN A 63 3.64 -8.10 -2.36
C ASN A 63 4.78 -7.14 -2.12
N VAL A 64 5.78 -7.62 -1.43
CA VAL A 64 6.99 -6.83 -1.18
C VAL A 64 7.70 -6.43 -2.49
N VAL A 65 7.81 -7.38 -3.41
CA VAL A 65 8.52 -7.09 -4.63
C VAL A 65 7.54 -6.38 -5.59
N GLY A 66 6.26 -6.72 -5.52
CA GLY A 66 5.26 -6.13 -6.40
C GLY A 66 5.04 -4.65 -6.21
N ALA A 67 5.32 -4.15 -5.00
CA ALA A 67 5.30 -2.73 -4.69
C ALA A 67 6.41 -2.01 -5.45
N ARG A 68 7.66 -2.51 -5.34
CA ARG A 68 8.80 -2.01 -6.12
C ARG A 68 8.59 -2.16 -7.60
N ARG A 69 8.17 -3.33 -8.02
CA ARG A 69 7.90 -3.51 -9.43
C ARG A 69 6.96 -2.41 -9.88
N SER A 70 5.94 -2.14 -9.06
CA SER A 70 4.94 -1.09 -9.35
C SER A 70 5.54 0.31 -9.33
N SER A 71 6.35 0.61 -8.33
CA SER A 71 6.98 1.93 -8.28
C SER A 71 7.92 2.16 -9.47
N TRP A 72 8.53 1.06 -9.92
CA TRP A 72 9.53 1.08 -10.98
C TRP A 72 8.88 1.42 -12.31
N ARG A 73 7.71 0.85 -12.54
CA ARG A 73 6.98 1.03 -13.77
C ARG A 73 6.52 2.48 -13.96
N VAL A 74 5.85 3.05 -12.96
CA VAL A 74 5.47 4.47 -12.90
C VAL A 74 6.61 5.46 -13.14
N VAL A 75 7.71 5.30 -12.41
CA VAL A 75 8.86 6.20 -12.47
C VAL A 75 9.71 6.08 -13.74
N SER A 76 9.78 4.88 -14.31
CA SER A 76 10.33 4.67 -15.66
C SER A 76 9.50 5.34 -16.75
N SER A 77 8.19 5.35 -16.57
CA SER A 77 7.29 5.98 -17.54
C SER A 77 7.39 7.51 -17.54
N ILE A 78 7.58 8.11 -16.36
CA ILE A 78 7.80 9.55 -16.21
C ILE A 78 9.13 9.89 -16.85
N GLU A 79 10.13 9.09 -16.52
CA GLU A 79 11.47 9.08 -17.08
C GLU A 79 11.46 9.19 -18.60
N GLN A 80 10.62 8.38 -19.24
CA GLN A 80 10.47 8.39 -20.68
C GLN A 80 9.67 9.60 -21.15
N LYS A 81 8.63 9.97 -20.40
CA LYS A 81 7.79 11.13 -20.73
C LYS A 81 8.46 12.49 -20.56
N THR A 82 9.49 12.56 -19.73
CA THR A 82 10.19 13.81 -19.50
C THR A 82 11.42 13.97 -20.40
N GLU A 83 11.45 13.21 -21.48
CA GLU A 83 12.42 13.41 -22.54
C GLU A 83 12.29 14.87 -23.01
N GLY A 84 13.41 15.57 -23.10
CA GLY A 84 13.43 17.00 -23.44
C GLY A 84 13.36 17.95 -22.26
N ALA A 85 13.06 17.40 -21.09
CA ALA A 85 13.06 18.16 -19.85
C ALA A 85 14.17 17.65 -18.95
N GLU A 86 15.34 18.25 -19.11
CA GLU A 86 16.60 17.71 -18.59
C GLU A 86 16.61 17.51 -17.08
N LYS A 87 16.11 18.49 -16.33
CA LYS A 87 16.12 18.44 -14.87
C LYS A 87 15.14 17.40 -14.33
N LYS A 88 13.93 17.40 -14.89
CA LYS A 88 12.92 16.41 -14.51
C LYS A 88 13.44 15.00 -14.78
N GLN A 89 13.92 14.75 -16.00
CA GLN A 89 14.38 13.42 -16.41
C GLN A 89 15.52 12.86 -15.56
N GLN A 90 16.41 13.71 -15.10
CA GLN A 90 17.49 13.29 -14.21
C GLN A 90 16.96 12.85 -12.83
N MET A 91 16.00 13.61 -12.30
CA MET A 91 15.34 13.32 -11.03
C MET A 91 14.63 11.95 -11.08
N ALA A 92 13.94 11.70 -12.18
CA ALA A 92 13.22 10.46 -12.41
C ALA A 92 14.15 9.27 -12.60
N ARG A 93 15.29 9.50 -13.27
CA ARG A 93 16.29 8.47 -13.47
C ARG A 93 16.95 8.03 -12.16
N GLU A 94 17.33 8.99 -11.32
CA GLU A 94 18.01 8.66 -10.06
C GLU A 94 17.09 7.90 -9.12
N TYR A 95 15.82 8.30 -9.12
CA TYR A 95 14.85 7.66 -8.27
C TYR A 95 14.51 6.26 -8.81
N ARG A 96 14.41 6.11 -10.13
CA ARG A 96 14.23 4.79 -10.74
C ARG A 96 15.36 3.92 -10.28
N GLU A 97 16.58 4.40 -10.41
CA GLU A 97 17.73 3.63 -9.94
C GLU A 97 17.66 3.27 -8.47
N LYS A 98 17.03 4.13 -7.67
CA LYS A 98 16.90 3.84 -6.24
C LYS A 98 15.91 2.71 -6.02
N ILE A 99 14.75 2.81 -6.65
CA ILE A 99 13.77 1.74 -6.61
C ILE A 99 14.33 0.41 -7.12
N GLU A 100 15.21 0.47 -8.12
CA GLU A 100 15.82 -0.73 -8.69
C GLU A 100 16.73 -1.49 -7.73
N THR A 101 17.55 -0.75 -7.01
CA THR A 101 18.40 -1.34 -6.00
C THR A 101 17.55 -2.10 -4.97
N GLU A 102 16.51 -1.44 -4.43
CA GLU A 102 15.55 -2.10 -3.53
C GLU A 102 15.01 -3.40 -4.14
N LEU A 103 14.64 -3.32 -5.41
CA LEU A 103 13.97 -4.40 -6.10
C LEU A 103 14.87 -5.59 -6.31
N ARG A 104 16.16 -5.32 -6.56
CA ARG A 104 17.19 -6.34 -6.82
C ARG A 104 17.60 -7.09 -5.57
N ASP A 105 17.80 -6.31 -4.50
CA ASP A 105 18.01 -6.82 -3.17
C ASP A 105 16.89 -7.77 -2.73
N ILE A 106 15.65 -7.46 -3.13
CA ILE A 106 14.51 -8.32 -2.75
C ILE A 106 14.55 -9.60 -3.57
N CYS A 107 14.80 -9.49 -4.87
CA CYS A 107 14.88 -10.65 -5.75
C CYS A 107 16.02 -11.58 -5.35
N ASN A 108 17.15 -11.00 -5.01
CA ASN A 108 18.27 -11.78 -4.48
C ASN A 108 18.01 -12.31 -3.06
N ASP A 109 17.04 -11.74 -2.33
CA ASP A 109 16.71 -12.25 -1.00
C ASP A 109 16.00 -13.58 -1.15
N VAL A 110 14.98 -13.56 -2.00
CA VAL A 110 14.21 -14.71 -2.40
C VAL A 110 15.06 -15.77 -3.08
N LEU A 111 15.93 -15.32 -3.98
CA LEU A 111 16.78 -16.24 -4.78
C LEU A 111 17.81 -16.99 -3.94
N SER A 112 18.35 -16.34 -2.92
CA SER A 112 19.29 -16.97 -1.99
C SER A 112 18.58 -17.94 -1.07
N LEU A 113 17.46 -17.52 -0.48
CA LEU A 113 16.57 -18.41 0.30
C LEU A 113 16.21 -19.70 -0.46
N LEU A 114 15.82 -19.56 -1.72
CA LEU A 114 15.51 -20.67 -2.57
C LEU A 114 16.73 -21.58 -2.77
N GLU A 115 17.86 -20.96 -3.09
CA GLU A 115 19.07 -21.69 -3.42
C GLU A 115 19.59 -22.47 -2.22
N LYS A 116 19.70 -21.79 -1.09
CA LYS A 116 20.23 -22.38 0.13
C LYS A 116 19.25 -23.39 0.79
N PHE A 117 18.02 -22.94 1.04
CA PHE A 117 17.07 -23.71 1.87
C PHE A 117 15.99 -24.44 1.06
N LEU A 118 15.28 -23.72 0.20
CA LEU A 118 14.03 -24.22 -0.39
C LEU A 118 14.16 -25.28 -1.49
N ILE A 119 15.13 -25.12 -2.40
CA ILE A 119 15.31 -26.10 -3.50
C ILE A 119 15.96 -27.43 -3.06
N PRO A 120 17.02 -27.38 -2.23
CA PRO A 120 17.63 -28.64 -1.79
C PRO A 120 16.65 -29.52 -0.98
N ASN A 121 16.02 -28.91 0.02
CA ASN A 121 15.18 -29.61 0.99
C ASN A 121 13.80 -29.96 0.48
N ALA A 122 13.49 -29.56 -0.74
CA ALA A 122 12.23 -29.92 -1.36
C ALA A 122 12.19 -31.43 -1.52
N SER A 123 11.40 -32.07 -0.67
CA SER A 123 11.35 -33.53 -0.58
C SER A 123 10.28 -34.16 -1.48
N GLN A 124 9.52 -33.31 -2.18
CA GLN A 124 8.37 -33.75 -2.96
C GLN A 124 8.30 -33.03 -4.29
N ALA A 125 7.82 -33.70 -5.33
CA ALA A 125 7.67 -33.10 -6.67
C ALA A 125 6.92 -31.78 -6.62
N GLU A 126 5.85 -31.71 -5.84
CA GLU A 126 5.05 -30.47 -5.70
C GLU A 126 5.93 -29.30 -5.27
N SER A 127 6.70 -29.51 -4.21
CA SER A 127 7.53 -28.46 -3.66
C SER A 127 8.52 -28.03 -4.70
N LYS A 128 9.20 -29.02 -5.28
CA LYS A 128 10.26 -28.82 -6.24
C LYS A 128 9.79 -27.94 -7.41
N VAL A 129 8.64 -28.25 -7.97
CA VAL A 129 8.06 -27.43 -9.04
C VAL A 129 7.76 -26.00 -8.57
N PHE A 130 7.35 -25.85 -7.30
CA PHE A 130 6.90 -24.56 -6.74
C PHE A 130 8.07 -23.64 -6.62
N TYR A 131 9.13 -24.17 -6.00
CA TYR A 131 10.34 -23.44 -5.73
C TYR A 131 11.15 -23.12 -6.98
N LEU A 132 11.17 -24.04 -7.93
CA LEU A 132 11.80 -23.77 -9.23
C LEU A 132 11.06 -22.73 -10.07
N LYS A 133 9.73 -22.71 -10.01
CA LYS A 133 8.92 -21.69 -10.71
C LYS A 133 9.14 -20.31 -10.08
N MET A 134 9.31 -20.33 -8.77
CA MET A 134 9.59 -19.16 -7.98
C MET A 134 11.03 -18.68 -8.27
N LYS A 135 11.88 -19.56 -8.78
CA LYS A 135 13.26 -19.17 -9.00
C LYS A 135 13.33 -18.34 -10.23
N GLY A 136 12.62 -18.77 -11.25
CA GLY A 136 12.66 -18.02 -12.48
C GLY A 136 11.59 -16.96 -12.50
N ASP A 137 10.85 -16.79 -11.38
CA ASP A 137 9.83 -15.72 -11.26
C ASP A 137 10.65 -14.51 -10.96
N TYR A 138 11.53 -14.71 -9.99
CA TYR A 138 12.32 -13.66 -9.45
C TYR A 138 13.53 -13.35 -10.33
N TYR A 139 13.86 -14.25 -11.27
CA TYR A 139 14.84 -13.91 -12.34
C TYR A 139 14.12 -13.17 -13.47
N ARG A 140 12.86 -13.50 -13.70
CA ARG A 140 12.09 -12.71 -14.63
C ARG A 140 11.94 -11.25 -14.12
N TYR A 141 11.81 -11.08 -12.80
CA TYR A 141 11.63 -9.75 -12.20
C TYR A 141 12.91 -8.96 -12.41
N LEU A 142 14.03 -9.69 -12.35
CA LEU A 142 15.33 -9.10 -12.63
C LEU A 142 15.50 -8.77 -14.12
N ALA A 143 15.07 -9.68 -14.99
CA ALA A 143 15.13 -9.45 -16.43
C ALA A 143 14.43 -8.14 -16.78
N GLU A 144 13.25 -7.91 -16.18
CA GLU A 144 12.48 -6.66 -16.34
C GLU A 144 13.31 -5.38 -16.13
N VAL A 145 14.40 -5.53 -15.38
CA VAL A 145 15.11 -4.40 -14.81
C VAL A 145 16.59 -4.40 -15.21
N ALA A 146 17.00 -5.39 -16.01
CA ALA A 146 18.38 -5.47 -16.51
C ALA A 146 18.52 -4.80 -17.88
N LYS A 152 18.85 -8.56 -19.80
CA LYS A 152 20.25 -9.00 -19.82
C LYS A 152 20.36 -10.51 -19.99
N GLY A 153 21.58 -10.99 -20.24
CA GLY A 153 21.89 -12.42 -20.21
C GLY A 153 21.60 -13.22 -18.93
N ILE A 154 20.76 -12.69 -18.01
CA ILE A 154 20.20 -13.42 -16.83
C ILE A 154 18.77 -13.92 -17.07
N VAL A 155 18.25 -13.57 -18.24
CA VAL A 155 17.07 -14.13 -18.84
C VAL A 155 17.17 -15.67 -18.97
N ASP A 156 18.38 -16.15 -19.23
CA ASP A 156 18.60 -17.58 -19.46
C ASP A 156 18.35 -18.38 -18.19
N GLN A 157 18.63 -17.76 -17.04
CA GLN A 157 18.49 -18.47 -15.77
C GLN A 157 17.04 -18.48 -15.30
N SER A 158 16.28 -17.47 -15.71
CA SER A 158 14.83 -17.51 -15.57
C SER A 158 14.28 -18.68 -16.41
N GLN A 159 14.91 -18.92 -17.55
CA GLN A 159 14.48 -19.99 -18.45
C GLN A 159 14.78 -21.39 -17.94
N GLN A 160 15.98 -21.59 -17.41
CA GLN A 160 16.41 -22.92 -16.95
C GLN A 160 15.65 -23.38 -15.72
N ALA A 161 15.47 -22.49 -14.75
CA ALA A 161 14.51 -22.73 -13.65
C ALA A 161 13.15 -23.15 -14.17
N TYR A 162 12.56 -22.31 -15.02
CA TYR A 162 11.21 -22.56 -15.55
C TYR A 162 11.07 -23.80 -16.40
N GLN A 163 12.09 -24.10 -17.21
CA GLN A 163 12.18 -25.38 -17.95
C GLN A 163 12.28 -26.60 -16.99
N GLU A 164 13.18 -26.56 -16.01
CA GLU A 164 13.29 -27.67 -15.07
C GLU A 164 12.06 -27.86 -14.22
N ALA A 165 11.33 -26.77 -13.99
CA ALA A 165 10.04 -26.82 -13.34
C ALA A 165 8.96 -27.34 -14.26
N PHE A 166 8.98 -26.96 -15.53
CA PHE A 166 7.92 -27.33 -16.53
C PHE A 166 8.04 -28.81 -16.96
N GLU A 167 9.28 -29.33 -17.00
CA GLU A 167 9.54 -30.79 -17.12
C GLU A 167 8.95 -31.57 -15.93
N ILE A 168 9.47 -31.29 -14.73
CA ILE A 168 9.06 -32.00 -13.52
C ILE A 168 7.56 -31.94 -13.29
N SER A 169 6.89 -30.96 -13.91
CA SER A 169 5.45 -30.72 -13.70
C SER A 169 4.62 -31.52 -14.66
N LYS A 170 5.03 -31.53 -15.92
CA LYS A 170 4.35 -32.32 -16.94
C LYS A 170 4.40 -33.82 -16.67
N LYS A 171 5.49 -34.28 -16.04
CA LYS A 171 5.68 -35.69 -15.70
C LYS A 171 4.83 -36.11 -14.49
N GLU A 172 4.87 -35.31 -13.43
CA GLU A 172 4.23 -35.66 -12.15
C GLU A 172 2.82 -35.17 -11.89
N MET A 173 2.37 -34.14 -12.60
CA MET A 173 1.12 -33.46 -12.22
C MET A 173 0.04 -33.57 -13.27
N GLN A 174 -1.23 -33.56 -12.83
CA GLN A 174 -2.36 -33.44 -13.74
C GLN A 174 -2.36 -32.06 -14.38
N PRO A 175 -2.80 -31.96 -15.64
CA PRO A 175 -2.90 -30.67 -16.33
C PRO A 175 -3.78 -29.62 -15.62
N THR A 176 -4.62 -30.03 -14.68
CA THR A 176 -5.47 -29.09 -13.93
C THR A 176 -4.92 -28.71 -12.55
N HIS A 177 -3.71 -29.15 -12.24
CA HIS A 177 -3.06 -28.78 -10.99
C HIS A 177 -2.67 -27.31 -11.09
N PRO A 178 -3.06 -26.50 -10.07
CA PRO A 178 -2.85 -25.06 -10.07
C PRO A 178 -1.41 -24.63 -10.18
N ILE A 179 -0.50 -25.44 -9.63
CA ILE A 179 0.92 -25.15 -9.65
C ILE A 179 1.50 -25.33 -11.04
N ARG A 180 0.99 -26.33 -11.77
CA ARG A 180 1.32 -26.58 -13.18
C ARG A 180 0.65 -25.59 -14.13
N LEU A 181 -0.64 -25.32 -13.93
CA LEU A 181 -1.30 -24.24 -14.71
C LEU A 181 -0.68 -22.87 -14.47
N GLY A 182 -0.14 -22.65 -13.27
CA GLY A 182 0.32 -21.35 -12.82
C GLY A 182 1.65 -21.14 -13.47
N LEU A 183 2.42 -22.22 -13.50
CA LEU A 183 3.70 -22.25 -14.18
C LEU A 183 3.49 -22.07 -15.70
N ALA A 184 2.50 -22.74 -16.27
CA ALA A 184 2.15 -22.49 -17.67
C ALA A 184 1.97 -21.00 -17.94
N LEU A 185 1.41 -20.29 -16.97
CA LEU A 185 1.02 -18.90 -17.11
C LEU A 185 2.23 -18.01 -16.98
N ASN A 186 3.04 -18.19 -15.94
CA ASN A 186 4.25 -17.39 -15.83
C ASN A 186 5.27 -17.62 -16.95
N PHE A 187 5.64 -18.90 -17.18
CA PHE A 187 6.56 -19.29 -18.25
C PHE A 187 6.17 -18.67 -19.59
N SER A 188 4.88 -18.72 -19.92
CA SER A 188 4.32 -18.11 -21.11
C SER A 188 4.56 -16.60 -21.19
N VAL A 189 4.32 -15.91 -20.07
CA VAL A 189 4.60 -14.48 -20.01
C VAL A 189 6.11 -14.20 -20.16
N PHE A 190 6.97 -15.06 -19.60
CA PHE A 190 8.42 -14.97 -19.78
C PHE A 190 8.85 -15.07 -21.24
N TYR A 191 8.24 -16.01 -21.97
CA TYR A 191 8.44 -16.10 -23.43
C TYR A 191 7.96 -14.83 -24.15
N TYR A 192 6.71 -14.42 -23.86
CA TYR A 192 6.10 -13.25 -24.51
C TYR A 192 6.87 -11.94 -24.24
N GLU A 193 7.29 -11.79 -22.98
CA GLU A 193 7.82 -10.56 -22.44
C GLU A 193 9.31 -10.43 -22.29
N ILE A 194 9.97 -11.47 -21.82
CA ILE A 194 11.41 -11.37 -21.59
C ILE A 194 12.19 -11.83 -22.83
N LEU A 195 11.59 -12.76 -23.56
CA LEU A 195 12.24 -13.41 -24.68
C LEU A 195 11.72 -12.84 -25.98
N ASN A 196 10.75 -11.95 -25.83
CA ASN A 196 10.01 -11.38 -26.95
C ASN A 196 9.77 -12.47 -27.99
N SER A 197 8.63 -13.15 -27.89
CA SER A 197 8.38 -14.36 -28.66
C SER A 197 6.92 -14.72 -28.43
N PRO A 198 5.98 -13.98 -29.06
CA PRO A 198 4.58 -14.22 -28.80
C PRO A 198 4.09 -15.61 -29.24
N GLU A 199 4.81 -16.23 -30.18
CA GLU A 199 4.48 -17.57 -30.68
C GLU A 199 4.72 -18.61 -29.62
N LYS A 200 5.92 -18.61 -29.05
CA LYS A 200 6.31 -19.57 -28.02
C LYS A 200 5.59 -19.24 -26.74
N ALA A 201 4.98 -18.05 -26.67
CA ALA A 201 4.12 -17.66 -25.55
C ALA A 201 2.69 -18.14 -25.71
N CYS A 202 2.07 -17.91 -26.87
CA CYS A 202 0.66 -18.26 -27.08
C CYS A 202 0.36 -19.76 -27.14
N SER A 203 1.23 -20.50 -27.83
CA SER A 203 1.12 -21.96 -27.93
C SER A 203 1.22 -22.61 -26.55
N LEU A 204 2.17 -22.12 -25.75
CA LEU A 204 2.41 -22.63 -24.41
C LEU A 204 1.18 -22.50 -23.51
N ALA A 205 0.36 -21.46 -23.76
CA ALA A 205 -0.77 -21.11 -22.91
C ALA A 205 -2.06 -21.61 -23.53
N LYS A 206 -2.05 -21.74 -24.85
CA LYS A 206 -3.13 -22.46 -25.52
C LYS A 206 -3.13 -23.94 -25.14
N THR A 207 -1.95 -24.53 -25.10
CA THR A 207 -1.80 -25.94 -24.74
C THR A 207 -2.13 -26.20 -23.27
N ALA A 208 -1.59 -25.37 -22.38
CA ALA A 208 -1.84 -25.50 -20.93
C ALA A 208 -3.31 -25.48 -20.67
N PHE A 209 -3.97 -24.53 -21.32
CA PHE A 209 -5.40 -24.36 -21.18
C PHE A 209 -6.16 -25.51 -21.81
N ASP A 210 -5.86 -25.82 -23.07
CA ASP A 210 -6.60 -26.85 -23.79
C ASP A 210 -6.51 -28.22 -23.12
N GLU A 211 -5.33 -28.53 -22.58
CA GLU A 211 -5.12 -29.78 -21.84
C GLU A 211 -5.83 -29.84 -20.50
N ALA A 212 -5.99 -28.69 -19.84
CA ALA A 212 -6.71 -28.61 -18.59
C ALA A 212 -8.20 -28.70 -18.83
N ILE A 213 -8.67 -28.19 -19.96
CA ILE A 213 -10.10 -28.16 -20.27
C ILE A 213 -10.65 -29.49 -20.77
N ALA A 214 -9.76 -30.35 -21.27
CA ALA A 214 -10.10 -31.72 -21.64
C ALA A 214 -10.13 -32.68 -20.43
N GLU A 215 -9.76 -32.19 -19.25
CA GLU A 215 -9.65 -33.04 -18.06
C GLU A 215 -10.27 -32.41 -16.83
N LEU A 216 -11.41 -31.75 -17.00
CA LEU A 216 -12.05 -31.02 -15.89
C LEU A 216 -12.58 -31.91 -14.77
N ASP A 217 -12.62 -33.23 -15.04
CA ASP A 217 -12.99 -34.22 -14.04
C ASP A 217 -11.85 -34.51 -13.05
N THR A 218 -10.65 -34.10 -13.38
CA THR A 218 -9.50 -34.27 -12.49
C THR A 218 -9.38 -33.11 -11.50
N LEU A 219 -10.36 -32.20 -11.52
CA LEU A 219 -10.37 -31.09 -10.58
C LEU A 219 -10.85 -31.57 -9.24
N SER A 220 -10.27 -31.04 -8.16
CA SER A 220 -10.72 -31.38 -6.81
C SER A 220 -11.23 -30.15 -6.08
N GLU A 221 -12.19 -30.34 -5.17
CA GLU A 221 -12.77 -29.22 -4.41
C GLU A 221 -11.74 -28.33 -3.72
N GLU A 222 -10.60 -28.87 -3.31
CA GLU A 222 -9.57 -28.06 -2.69
C GLU A 222 -8.87 -27.08 -3.66
N SER A 223 -8.88 -27.39 -4.96
CA SER A 223 -8.13 -26.54 -5.91
C SER A 223 -8.95 -26.07 -7.12
N TYR A 224 -10.20 -26.48 -7.24
CA TYR A 224 -10.99 -26.16 -8.44
C TYR A 224 -11.19 -24.67 -8.70
N LYS A 225 -11.19 -23.87 -7.64
CA LYS A 225 -11.24 -22.40 -7.77
C LYS A 225 -9.91 -21.79 -8.18
N ASP A 226 -8.82 -22.24 -7.55
CA ASP A 226 -7.46 -21.92 -7.96
C ASP A 226 -7.21 -22.22 -9.47
N SER A 227 -7.45 -23.47 -9.89
CA SER A 227 -7.20 -23.92 -11.27
C SER A 227 -8.02 -23.20 -12.32
N THR A 228 -9.32 -23.15 -12.06
CA THR A 228 -10.32 -22.53 -12.91
C THR A 228 -10.08 -21.03 -13.12
N LEU A 229 -9.58 -20.37 -12.07
CA LEU A 229 -9.10 -19.01 -12.15
C LEU A 229 -7.94 -18.85 -13.12
N ILE A 230 -6.84 -19.58 -12.86
CA ILE A 230 -5.67 -19.54 -13.68
C ILE A 230 -5.91 -19.95 -15.12
N MET A 231 -6.93 -20.74 -15.40
CA MET A 231 -7.27 -21.11 -16.77
C MET A 231 -7.92 -19.92 -17.46
N GLN A 232 -8.75 -19.20 -16.73
CA GLN A 232 -9.30 -17.94 -17.22
C GLN A 232 -8.22 -16.92 -17.56
N LEU A 233 -7.14 -16.92 -16.76
CA LEU A 233 -6.03 -16.00 -16.93
C LEU A 233 -5.12 -16.36 -18.07
N LEU A 234 -5.18 -17.62 -18.45
CA LEU A 234 -4.45 -18.16 -19.56
C LEU A 234 -5.16 -17.74 -20.83
N ARG A 235 -6.46 -17.93 -20.89
CA ARG A 235 -7.22 -17.46 -22.02
C ARG A 235 -7.16 -15.93 -22.18
N ASP A 236 -7.36 -15.19 -21.10
CA ASP A 236 -7.24 -13.74 -21.13
C ASP A 236 -6.00 -13.28 -21.88
N ASN A 237 -4.83 -13.75 -21.46
CA ASN A 237 -3.58 -13.46 -22.14
C ASN A 237 -3.64 -13.79 -23.66
N LEU A 238 -4.07 -14.99 -24.02
CA LEU A 238 -4.25 -15.42 -25.41
C LEU A 238 -5.16 -14.52 -26.23
N THR A 239 -6.19 -14.00 -25.61
CA THR A 239 -7.15 -13.13 -26.26
C THR A 239 -6.50 -11.77 -26.57
N LEU A 240 -5.83 -11.20 -25.56
CA LEU A 240 -5.02 -9.98 -25.67
C LEU A 240 -3.90 -10.11 -26.70
N TRP A 241 -3.17 -11.22 -26.66
CA TRP A 241 -2.08 -11.45 -27.59
C TRP A 241 -2.59 -11.81 -28.99
N THR A 242 -3.83 -11.40 -29.28
CA THR A 242 -4.42 -11.48 -30.61
C THR A 242 -5.26 -10.21 -30.88
N SER A 243 -5.12 -9.21 -30.01
CA SER A 243 -5.94 -7.99 -30.08
C SER A 243 -5.71 -7.16 -31.34
N MET B 14 19.90 17.18 -1.35
CA MET B 14 19.01 17.97 -2.24
C MET B 14 18.75 19.37 -1.67
N ASP B 15 18.31 20.29 -2.54
CA ASP B 15 17.83 21.60 -2.11
C ASP B 15 16.31 21.59 -2.11
N LYS B 16 15.69 22.71 -1.71
CA LYS B 16 14.24 22.78 -1.53
C LYS B 16 13.46 22.38 -2.77
N ASN B 17 13.91 22.83 -3.93
CA ASN B 17 13.21 22.57 -5.17
C ASN B 17 13.32 21.15 -5.71
N GLU B 18 14.45 20.50 -5.45
CA GLU B 18 14.69 19.10 -5.80
C GLU B 18 13.85 18.16 -4.93
N LEU B 19 13.74 18.52 -3.65
CA LEU B 19 12.93 17.81 -2.67
C LEU B 19 11.45 17.84 -3.02
N VAL B 20 10.92 19.03 -3.26
CA VAL B 20 9.56 19.16 -3.72
C VAL B 20 9.27 18.30 -4.94
N GLN B 21 10.20 18.22 -5.89
CA GLN B 21 9.94 17.44 -7.11
C GLN B 21 10.13 15.93 -6.89
N LYS B 22 11.02 15.56 -5.96
CA LYS B 22 11.15 14.17 -5.52
C LYS B 22 10.01 13.75 -4.59
N ALA B 23 9.30 14.71 -3.99
CA ALA B 23 8.11 14.38 -3.21
C ALA B 23 6.99 14.10 -4.18
N LYS B 24 6.98 14.82 -5.29
CA LYS B 24 5.86 14.61 -6.31
C LYS B 24 6.00 13.27 -7.12
N LEU B 25 7.23 12.85 -7.32
CA LEU B 25 7.66 11.51 -7.78
C LEU B 25 7.34 10.34 -6.83
N ALA B 26 7.57 10.50 -5.53
CA ALA B 26 7.25 9.49 -4.53
C ALA B 26 5.74 9.34 -4.54
N GLU B 27 5.06 10.47 -4.63
CA GLU B 27 3.61 10.44 -4.47
C GLU B 27 2.98 9.64 -5.64
N GLN B 28 3.48 9.87 -6.83
CA GLN B 28 3.07 9.10 -8.01
C GLN B 28 3.57 7.64 -7.86
N ALA B 29 4.75 7.44 -7.28
CA ALA B 29 5.21 6.08 -6.98
C ALA B 29 4.41 5.32 -5.86
N GLU B 30 3.61 6.01 -5.03
CA GLU B 30 2.99 5.43 -3.79
C GLU B 30 4.09 5.02 -2.75
N ARG B 31 5.05 5.89 -2.70
CA ARG B 31 6.19 5.73 -1.80
C ARG B 31 6.08 6.85 -0.80
N TYR B 32 5.26 6.66 0.25
CA TYR B 32 4.81 7.81 1.10
C TYR B 32 5.76 8.15 2.17
N ASP B 33 6.44 7.15 2.68
CA ASP B 33 7.57 7.41 3.56
C ASP B 33 8.63 8.33 2.94
N ASP B 34 9.02 8.10 1.68
CA ASP B 34 10.02 8.95 0.97
C ASP B 34 9.50 10.37 0.88
N MET B 35 8.30 10.48 0.36
CA MET B 35 7.61 11.72 0.14
C MET B 35 7.47 12.55 1.38
N ALA B 36 7.37 11.89 2.55
CA ALA B 36 7.29 12.55 3.84
C ALA B 36 8.70 12.86 4.37
N ALA B 37 9.65 11.99 4.07
CA ALA B 37 11.04 12.25 4.43
C ALA B 37 11.56 13.51 3.74
N CYS B 38 11.27 13.62 2.44
CA CYS B 38 11.52 14.82 1.65
C CYS B 38 10.86 16.09 2.18
N MET B 39 9.59 16.00 2.58
CA MET B 39 8.84 17.20 2.97
C MET B 39 9.12 17.57 4.41
N LYS B 40 9.64 16.61 5.18
CA LYS B 40 10.13 16.91 6.52
C LYS B 40 11.40 17.74 6.41
N SER B 41 12.27 17.38 5.47
CA SER B 41 13.49 18.13 5.17
C SER B 41 13.20 19.52 4.63
N VAL B 42 12.23 19.63 3.73
CA VAL B 42 11.75 20.92 3.26
C VAL B 42 11.34 21.79 4.45
N THR B 43 10.41 21.28 5.27
CA THR B 43 9.87 21.99 6.42
C THR B 43 10.98 22.47 7.36
N GLU B 44 11.91 21.56 7.68
CA GLU B 44 12.95 21.83 8.69
C GLU B 44 13.93 22.91 8.24
N GLN B 45 13.76 23.39 7.02
CA GLN B 45 14.56 24.50 6.51
C GLN B 45 14.05 25.86 7.02
N GLY B 46 13.20 25.82 8.04
CA GLY B 46 12.73 27.01 8.75
C GLY B 46 11.99 28.04 7.92
N ALA B 47 11.83 27.80 6.62
CA ALA B 47 11.15 28.75 5.77
C ALA B 47 9.70 28.32 5.62
N GLU B 48 8.79 29.31 5.68
CA GLU B 48 7.35 29.09 5.49
C GLU B 48 7.12 28.28 4.22
N LEU B 49 6.03 27.49 4.19
CA LEU B 49 5.75 26.65 3.04
C LEU B 49 4.73 27.29 2.11
N SER B 50 4.97 27.12 0.81
CA SER B 50 4.02 27.52 -0.21
C SER B 50 2.77 26.64 -0.10
N ASN B 51 1.68 27.05 -0.73
CA ASN B 51 0.43 26.28 -0.74
C ASN B 51 0.70 24.83 -1.17
N GLU B 52 1.40 24.69 -2.30
CA GLU B 52 1.83 23.42 -2.87
C GLU B 52 2.74 22.56 -1.95
N GLU B 53 3.71 23.18 -1.30
CA GLU B 53 4.58 22.45 -0.39
C GLU B 53 3.76 21.96 0.82
N ARG B 54 2.74 22.72 1.19
CA ARG B 54 1.98 22.49 2.39
C ARG B 54 1.08 21.27 2.21
N ASN B 55 0.35 21.29 1.09
CA ASN B 55 -0.44 20.18 0.59
C ASN B 55 0.31 18.86 0.38
N LEU B 56 1.59 18.94 0.04
CA LEU B 56 2.43 17.76 -0.17
C LEU B 56 2.91 17.16 1.15
N LEU B 57 3.20 18.02 2.10
CA LEU B 57 3.53 17.58 3.45
C LEU B 57 2.33 16.88 4.10
N SER B 58 1.14 17.37 3.76
CA SER B 58 -0.13 16.92 4.30
C SER B 58 -0.66 15.63 3.63
N VAL B 59 -0.54 15.53 2.32
CA VAL B 59 -0.81 14.26 1.67
C VAL B 59 0.20 13.18 2.10
N ALA B 60 1.46 13.58 2.25
CA ALA B 60 2.49 12.63 2.62
C ALA B 60 2.08 11.91 3.89
N TYR B 61 1.86 12.68 4.95
CA TYR B 61 1.69 12.15 6.29
C TYR B 61 0.33 11.53 6.49
N LYS B 62 -0.66 12.03 5.75
CA LYS B 62 -1.99 11.47 5.70
C LYS B 62 -1.91 9.98 5.31
N ASN B 63 -1.00 9.66 4.39
CA ASN B 63 -0.85 8.29 3.92
C ASN B 63 -0.03 7.43 4.85
N VAL B 64 1.09 7.96 5.29
CA VAL B 64 1.97 7.40 6.35
C VAL B 64 1.26 6.97 7.68
N VAL B 65 0.61 7.92 8.34
CA VAL B 65 -0.29 7.59 9.47
C VAL B 65 -1.52 6.77 9.06
N GLY B 66 -2.02 6.99 7.85
CA GLY B 66 -3.20 6.28 7.39
C GLY B 66 -3.01 4.77 7.29
N ALA B 67 -1.80 4.35 6.94
CA ALA B 67 -1.44 2.93 6.88
C ALA B 67 -1.55 2.33 8.26
N ARG B 68 -0.90 2.99 9.23
CA ARG B 68 -0.90 2.57 10.61
C ARG B 68 -2.28 2.54 11.25
N ARG B 69 -3.07 3.58 11.01
CA ARG B 69 -4.46 3.61 11.44
C ARG B 69 -5.19 2.39 10.91
N SER B 70 -5.11 2.17 9.60
CA SER B 70 -5.69 0.98 8.97
C SER B 70 -5.19 -0.34 9.59
N SER B 71 -3.89 -0.57 9.65
CA SER B 71 -3.40 -1.81 10.29
C SER B 71 -3.87 -1.94 11.76
N TRP B 72 -4.15 -0.81 12.40
CA TRP B 72 -4.47 -0.78 13.82
C TRP B 72 -5.93 -1.17 13.96
N ARG B 73 -6.76 -0.58 13.13
CA ARG B 73 -8.12 -1.00 13.16
C ARG B 73 -8.23 -2.54 13.00
N VAL B 74 -7.62 -3.10 11.96
CA VAL B 74 -7.65 -4.54 11.66
C VAL B 74 -7.16 -5.43 12.81
N VAL B 75 -5.92 -5.22 13.25
CA VAL B 75 -5.34 -5.96 14.36
C VAL B 75 -6.12 -5.83 15.69
N SER B 76 -6.59 -4.63 16.06
CA SER B 76 -7.48 -4.48 17.21
C SER B 76 -8.76 -5.28 17.12
N SER B 77 -9.28 -5.43 15.91
CA SER B 77 -10.54 -6.13 15.67
C SER B 77 -10.38 -7.64 15.78
N ILE B 78 -9.26 -8.16 15.27
CA ILE B 78 -8.86 -9.55 15.51
C ILE B 78 -8.68 -9.77 17.02
N GLU B 79 -8.01 -8.83 17.67
CA GLU B 79 -7.88 -8.79 19.13
C GLU B 79 -9.21 -9.01 19.87
N GLN B 80 -10.27 -8.38 19.36
CA GLN B 80 -11.62 -8.48 19.91
C GLN B 80 -12.39 -9.73 19.43
N LYS B 81 -12.08 -10.23 18.25
CA LYS B 81 -12.71 -11.46 17.75
C LYS B 81 -12.09 -12.71 18.37
N THR B 82 -10.87 -12.59 18.88
CA THR B 82 -10.16 -13.73 19.48
C THR B 82 -10.22 -13.76 21.02
N GLU B 83 -11.22 -13.09 21.58
CA GLU B 83 -11.60 -13.27 22.96
C GLU B 83 -11.96 -14.77 23.13
N GLY B 84 -11.28 -15.46 24.05
CA GLY B 84 -11.51 -16.90 24.29
C GLY B 84 -10.41 -17.80 23.75
N ALA B 85 -9.54 -17.20 22.93
CA ALA B 85 -8.40 -17.89 22.41
C ALA B 85 -7.14 -17.18 22.90
N GLU B 86 -6.63 -17.69 24.01
CA GLU B 86 -5.58 -17.06 24.79
C GLU B 86 -4.34 -16.74 23.94
N LYS B 87 -3.87 -17.73 23.20
CA LYS B 87 -2.64 -17.60 22.43
C LYS B 87 -2.81 -16.59 21.27
N LYS B 88 -3.88 -16.78 20.49
CA LYS B 88 -4.23 -15.86 19.40
C LYS B 88 -4.28 -14.43 19.88
N GLN B 89 -5.06 -14.20 20.94
CA GLN B 89 -5.29 -12.85 21.44
C GLN B 89 -4.02 -12.17 21.92
N GLN B 90 -3.17 -12.89 22.66
CA GLN B 90 -1.85 -12.34 23.04
C GLN B 90 -0.97 -11.93 21.84
N MET B 91 -0.96 -12.77 20.80
CA MET B 91 -0.25 -12.50 19.56
C MET B 91 -0.75 -11.19 18.94
N ALA B 92 -2.08 -11.04 18.85
CA ALA B 92 -2.72 -9.85 18.29
C ALA B 92 -2.47 -8.58 19.10
N ARG B 93 -2.48 -8.71 20.44
CA ARG B 93 -2.25 -7.59 21.33
C ARG B 93 -0.83 -7.06 21.23
N GLU B 94 0.15 -7.96 21.20
CA GLU B 94 1.54 -7.54 21.07
C GLU B 94 1.81 -6.87 19.72
N TYR B 95 1.19 -7.41 18.67
CA TYR B 95 1.32 -6.83 17.35
C TYR B 95 0.65 -5.46 17.30
N ARG B 96 -0.57 -5.35 17.86
CA ARG B 96 -1.26 -4.06 18.00
C ARG B 96 -0.34 -3.03 18.64
N GLU B 97 0.29 -3.41 19.75
CA GLU B 97 1.18 -2.49 20.47
C GLU B 97 2.35 -2.02 19.62
N LYS B 98 2.86 -2.91 18.77
CA LYS B 98 3.93 -2.60 17.81
C LYS B 98 3.46 -1.56 16.80
N ILE B 99 2.28 -1.81 16.22
CA ILE B 99 1.64 -0.86 15.29
C ILE B 99 1.29 0.45 15.96
N GLU B 100 0.99 0.42 17.26
CA GLU B 100 0.70 1.63 18.04
C GLU B 100 1.91 2.51 18.26
N THR B 101 3.02 1.91 18.65
CA THR B 101 4.28 2.61 18.81
C THR B 101 4.57 3.38 17.52
N GLU B 102 4.54 2.68 16.38
CA GLU B 102 4.75 3.32 15.09
C GLU B 102 3.84 4.53 14.88
N LEU B 103 2.55 4.34 15.16
CA LEU B 103 1.52 5.34 14.91
C LEU B 103 1.80 6.60 15.71
N ARG B 104 2.23 6.40 16.97
CA ARG B 104 2.55 7.45 17.94
C ARG B 104 3.73 8.32 17.55
N ASP B 105 4.79 7.64 17.11
CA ASP B 105 5.98 8.26 16.57
C ASP B 105 5.62 9.08 15.34
N ILE B 106 4.70 8.59 14.50
CA ILE B 106 4.32 9.35 13.32
C ILE B 106 3.61 10.62 13.74
N CYS B 107 2.59 10.48 14.59
CA CYS B 107 1.86 11.64 15.13
C CYS B 107 2.78 12.67 15.81
N ASN B 108 3.75 12.19 16.60
CA ASN B 108 4.69 13.06 17.32
C ASN B 108 5.77 13.70 16.43
N ASP B 109 6.09 13.05 15.31
CA ASP B 109 7.01 13.61 14.30
C ASP B 109 6.32 14.83 13.68
N VAL B 110 5.06 14.64 13.29
CA VAL B 110 4.21 15.69 12.71
C VAL B 110 3.93 16.85 13.66
N LEU B 111 3.59 16.52 14.90
CA LEU B 111 3.15 17.50 15.89
C LEU B 111 4.28 18.38 16.30
N SER B 112 5.48 17.85 16.13
CA SER B 112 6.71 18.52 16.47
C SER B 112 7.11 19.40 15.32
N LEU B 113 6.80 18.96 14.09
CA LEU B 113 7.05 19.78 12.91
C LEU B 113 6.24 21.05 12.99
N LEU B 114 5.01 20.89 13.45
CA LEU B 114 4.06 21.97 13.45
C LEU B 114 4.45 22.96 14.52
N GLU B 115 4.54 22.48 15.75
CA GLU B 115 4.80 23.32 16.89
C GLU B 115 6.10 24.10 16.74
N LYS B 116 7.13 23.47 16.19
CA LYS B 116 8.40 24.14 15.98
C LYS B 116 8.39 25.07 14.77
N PHE B 117 8.13 24.50 13.60
CA PHE B 117 8.32 25.23 12.34
C PHE B 117 7.06 25.87 11.78
N LEU B 118 6.00 25.09 11.66
CA LEU B 118 4.85 25.44 10.83
C LEU B 118 3.83 26.43 11.44
N ILE B 119 3.54 26.29 12.73
CA ILE B 119 2.57 27.19 13.39
C ILE B 119 3.20 28.54 13.79
N PRO B 120 4.48 28.54 14.22
CA PRO B 120 5.15 29.82 14.39
C PRO B 120 5.21 30.65 13.10
N ASN B 121 5.79 30.07 12.05
CA ASN B 121 6.08 30.83 10.83
C ASN B 121 4.88 31.04 9.90
N ALA B 122 3.69 30.73 10.39
CA ALA B 122 2.47 30.91 9.60
C ALA B 122 2.11 32.40 9.58
N SER B 123 2.42 33.05 8.47
CA SER B 123 2.29 34.50 8.35
C SER B 123 0.92 34.93 7.77
N GLN B 124 0.08 33.95 7.44
CA GLN B 124 -1.22 34.21 6.86
C GLN B 124 -2.28 33.39 7.59
N ALA B 125 -3.50 33.90 7.62
CA ALA B 125 -4.61 33.25 8.31
C ALA B 125 -4.88 31.82 7.81
N GLU B 126 -4.81 31.62 6.49
CA GLU B 126 -5.05 30.31 5.88
C GLU B 126 -4.05 29.29 6.37
N SER B 127 -2.77 29.61 6.23
CA SER B 127 -1.74 28.77 6.78
C SER B 127 -2.12 28.39 8.21
N LYS B 128 -2.34 29.39 9.06
CA LYS B 128 -2.66 29.21 10.48
C LYS B 128 -3.80 28.22 10.77
N VAL B 129 -4.91 28.38 10.07
CA VAL B 129 -6.03 27.46 10.21
C VAL B 129 -5.64 26.04 9.76
N PHE B 130 -4.77 25.94 8.74
CA PHE B 130 -4.40 24.67 8.15
C PHE B 130 -3.60 23.86 9.13
N TYR B 131 -2.55 24.49 9.68
CA TYR B 131 -1.61 23.84 10.60
C TYR B 131 -2.12 23.56 12.03
N LEU B 132 -3.15 24.31 12.47
CA LEU B 132 -3.85 24.04 13.73
C LEU B 132 -4.92 22.99 13.56
N LYS B 133 -5.54 22.92 12.37
CA LYS B 133 -6.47 21.84 12.04
C LYS B 133 -5.71 20.54 11.96
N MET B 134 -4.54 20.61 11.34
CA MET B 134 -3.57 19.54 11.29
C MET B 134 -3.14 19.09 12.69
N LYS B 135 -2.95 20.04 13.61
CA LYS B 135 -2.48 19.72 14.97
C LYS B 135 -3.54 18.93 15.71
N GLY B 136 -4.78 19.31 15.52
CA GLY B 136 -5.84 18.63 16.20
C GLY B 136 -6.25 17.39 15.43
N ASP B 137 -5.61 17.14 14.27
CA ASP B 137 -5.94 15.97 13.43
C ASP B 137 -5.14 14.88 14.01
N TYR B 138 -3.87 15.19 14.22
CA TYR B 138 -2.92 14.21 14.69
C TYR B 138 -3.08 13.95 16.20
N TYR B 139 -3.69 14.87 16.94
CA TYR B 139 -4.13 14.56 18.33
C TYR B 139 -5.42 13.73 18.33
N ARG B 140 -6.25 13.87 17.30
CA ARG B 140 -7.43 13.02 17.17
C ARG B 140 -7.02 11.59 16.83
N TYR B 141 -5.90 11.43 16.11
CA TYR B 141 -5.36 10.11 15.76
C TYR B 141 -4.66 9.51 17.01
N LEU B 142 -4.16 10.35 17.89
CA LEU B 142 -3.60 9.85 19.16
C LEU B 142 -4.70 9.41 20.13
N ALA B 143 -5.73 10.25 20.23
CA ALA B 143 -6.94 9.95 21.00
C ALA B 143 -7.59 8.61 20.59
N GLU B 144 -7.45 8.25 19.31
CA GLU B 144 -8.06 7.01 18.76
C GLU B 144 -7.46 5.75 19.38
N VAL B 145 -6.29 5.94 19.95
CA VAL B 145 -5.37 4.90 20.34
C VAL B 145 -4.89 5.10 21.81
N ALA B 146 -5.37 6.19 22.44
CA ALA B 146 -5.08 6.46 23.86
C ALA B 146 -5.88 5.60 24.85
N LYS B 152 -7.71 9.29 26.11
CA LYS B 152 -7.14 9.94 27.29
C LYS B 152 -7.37 11.46 27.32
N GLY B 153 -7.12 12.07 28.48
CA GLY B 153 -7.09 13.53 28.60
C GLY B 153 -6.17 14.25 27.64
N ILE B 154 -5.82 13.61 26.50
CA ILE B 154 -5.15 14.28 25.35
C ILE B 154 -6.11 14.67 24.20
N VAL B 155 -7.36 14.22 24.36
CA VAL B 155 -8.53 14.72 23.66
C VAL B 155 -8.67 16.26 23.72
N ASP B 156 -8.35 16.85 24.87
CA ASP B 156 -8.62 18.27 25.10
C ASP B 156 -7.71 19.16 24.25
N GLN B 157 -6.43 18.78 24.17
CA GLN B 157 -5.45 19.44 23.30
C GLN B 157 -5.80 19.33 21.80
N SER B 158 -6.44 18.24 21.40
CA SER B 158 -7.00 18.14 20.06
C SER B 158 -8.20 19.08 19.88
N GLN B 159 -8.95 19.29 20.95
CA GLN B 159 -10.13 20.17 20.90
C GLN B 159 -9.71 21.63 20.78
N GLN B 160 -8.63 22.00 21.44
CA GLN B 160 -8.22 23.38 21.51
C GLN B 160 -7.55 23.83 20.21
N ALA B 161 -6.91 22.90 19.51
CA ALA B 161 -6.37 23.17 18.18
C ALA B 161 -7.55 23.41 17.25
N TYR B 162 -8.46 22.48 17.26
CA TYR B 162 -9.65 22.56 16.45
C TYR B 162 -10.46 23.81 16.78
N GLN B 163 -10.60 24.16 18.06
CA GLN B 163 -11.26 25.41 18.46
C GLN B 163 -10.47 26.67 18.06
N GLU B 164 -9.14 26.75 18.28
CA GLU B 164 -8.41 27.95 17.81
C GLU B 164 -8.47 28.13 16.28
N ALA B 165 -8.45 27.02 15.55
CA ALA B 165 -8.58 27.03 14.10
C ALA B 165 -9.99 27.35 13.62
N PHE B 166 -10.99 26.93 14.38
CA PHE B 166 -12.40 27.05 13.94
C PHE B 166 -12.92 28.51 14.13
N GLU B 167 -12.40 29.20 15.16
CA GLU B 167 -12.56 30.65 15.39
C GLU B 167 -11.89 31.50 14.28
N ILE B 168 -10.58 31.29 14.09
CA ILE B 168 -9.81 31.99 13.07
C ILE B 168 -10.43 31.82 11.68
N SER B 169 -11.06 30.67 11.44
CA SER B 169 -11.64 30.38 10.11
C SER B 169 -13.00 31.01 9.92
N LYS B 170 -13.81 31.03 10.97
CA LYS B 170 -15.14 31.63 10.91
C LYS B 170 -15.05 33.15 10.71
N LYS B 171 -13.98 33.74 11.26
CA LYS B 171 -13.70 35.15 11.13
C LYS B 171 -13.16 35.55 9.74
N GLU B 172 -12.13 34.85 9.28
CA GLU B 172 -11.41 35.24 8.05
C GLU B 172 -11.91 34.63 6.74
N MET B 173 -12.46 33.42 6.79
CA MET B 173 -12.72 32.65 5.56
C MET B 173 -14.19 32.65 5.20
N GLN B 174 -14.53 32.55 3.91
CA GLN B 174 -15.93 32.37 3.51
C GLN B 174 -16.41 30.95 3.84
N PRO B 175 -17.74 30.76 4.06
CA PRO B 175 -18.18 29.42 4.44
C PRO B 175 -17.98 28.32 3.37
N THR B 176 -17.49 28.70 2.19
CA THR B 176 -17.20 27.71 1.13
C THR B 176 -15.71 27.48 0.93
N HIS B 177 -14.91 28.10 1.78
CA HIS B 177 -13.49 27.83 1.75
C HIS B 177 -13.29 26.37 2.14
N PRO B 178 -12.65 25.58 1.25
CA PRO B 178 -12.40 24.14 1.43
C PRO B 178 -11.74 23.81 2.76
N ILE B 179 -10.89 24.73 3.23
CA ILE B 179 -10.14 24.48 4.45
C ILE B 179 -11.03 24.66 5.68
N ARG B 180 -12.01 25.55 5.57
CA ARG B 180 -12.98 25.76 6.63
C ARG B 180 -14.01 24.63 6.66
N LEU B 181 -14.52 24.26 5.49
CA LEU B 181 -15.44 23.12 5.36
C LEU B 181 -14.77 21.85 5.84
N GLY B 182 -13.49 21.71 5.48
CA GLY B 182 -12.72 20.55 5.87
C GLY B 182 -12.56 20.51 7.37
N LEU B 183 -12.32 21.67 7.97
CA LEU B 183 -12.27 21.86 9.41
C LEU B 183 -13.59 21.47 10.08
N ALA B 184 -14.69 21.94 9.51
CA ALA B 184 -16.02 21.63 9.96
C ALA B 184 -16.36 20.13 9.81
N LEU B 185 -15.68 19.44 8.89
CA LEU B 185 -15.84 18.00 8.75
C LEU B 185 -15.04 17.26 9.83
N ASN B 186 -13.76 17.54 9.98
CA ASN B 186 -13.01 16.84 11.01
C ASN B 186 -13.43 17.12 12.44
N PHE B 187 -13.44 18.40 12.84
CA PHE B 187 -13.88 18.84 14.16
C PHE B 187 -15.12 18.09 14.62
N SER B 188 -16.09 17.99 13.71
CA SER B 188 -17.34 17.30 13.92
C SER B 188 -17.20 15.78 14.10
N VAL B 189 -16.29 15.16 13.36
CA VAL B 189 -15.88 13.79 13.63
C VAL B 189 -15.24 13.66 15.04
N PHE B 190 -14.46 14.65 15.45
CA PHE B 190 -13.84 14.64 16.79
C PHE B 190 -14.85 14.69 17.93
N TYR B 191 -15.89 15.51 17.76
CA TYR B 191 -16.98 15.65 18.74
C TYR B 191 -17.78 14.35 18.85
N TYR B 192 -18.11 13.77 17.69
CA TYR B 192 -18.83 12.49 17.57
C TYR B 192 -18.04 11.27 18.06
N GLU B 193 -16.77 11.18 17.66
CA GLU B 193 -15.95 9.98 17.90
C GLU B 193 -15.11 10.00 19.15
N ILE B 194 -14.44 11.12 19.38
CA ILE B 194 -13.49 11.22 20.49
C ILE B 194 -14.22 11.70 21.74
N LEU B 195 -15.22 12.55 21.51
CA LEU B 195 -15.93 13.21 22.61
C LEU B 195 -17.26 12.52 22.85
N ASN B 196 -17.57 11.52 22.03
CA ASN B 196 -18.90 10.93 22.05
C ASN B 196 -19.95 12.00 22.23
N SER B 197 -20.52 12.51 21.15
CA SER B 197 -21.50 13.60 21.22
C SER B 197 -22.21 13.78 19.86
N PRO B 198 -23.04 12.79 19.47
CA PRO B 198 -23.79 12.99 18.23
C PRO B 198 -24.28 14.42 18.02
N GLU B 199 -24.87 15.03 19.05
CA GLU B 199 -25.49 16.36 18.91
C GLU B 199 -24.48 17.43 18.56
N LYS B 200 -23.36 17.48 19.26
CA LYS B 200 -22.37 18.52 19.04
C LYS B 200 -21.61 18.24 17.76
N ALA B 201 -21.81 17.04 17.19
CA ALA B 201 -21.24 16.65 15.91
C ALA B 201 -22.17 17.04 14.79
N CYS B 202 -23.45 16.69 14.93
CA CYS B 202 -24.45 16.91 13.87
C CYS B 202 -24.80 18.37 13.58
N SER B 203 -24.87 19.19 14.63
CA SER B 203 -25.14 20.63 14.50
C SER B 203 -23.96 21.34 13.80
N LEU B 204 -22.76 21.17 14.36
CA LEU B 204 -21.51 21.64 13.77
C LEU B 204 -21.40 21.35 12.28
N ALA B 205 -21.85 20.17 11.88
CA ALA B 205 -21.69 19.72 10.51
C ALA B 205 -22.85 20.19 9.66
N LYS B 206 -24.00 20.37 10.29
CA LYS B 206 -25.22 20.86 9.60
C LYS B 206 -25.14 22.36 9.31
N THR B 207 -24.45 23.06 10.19
CA THR B 207 -24.29 24.50 10.07
C THR B 207 -23.23 24.80 9.02
N ALA B 208 -22.06 24.15 9.14
CA ALA B 208 -21.02 24.23 8.10
C ALA B 208 -21.61 23.98 6.73
N PHE B 209 -22.53 23.03 6.66
CA PHE B 209 -23.10 22.64 5.39
C PHE B 209 -24.12 23.66 4.85
N ASP B 210 -25.16 23.95 5.63
CA ASP B 210 -26.21 24.89 5.19
C ASP B 210 -25.68 26.31 4.91
N GLU B 211 -24.68 26.72 5.67
CA GLU B 211 -24.03 28.01 5.45
C GLU B 211 -23.19 28.04 4.17
N ALA B 212 -22.57 26.92 3.84
CA ALA B 212 -21.88 26.81 2.57
C ALA B 212 -22.86 26.81 1.39
N ILE B 213 -24.05 26.25 1.58
CA ILE B 213 -25.03 26.07 0.50
C ILE B 213 -25.82 27.32 0.15
N ALA B 214 -25.95 28.21 1.12
CA ALA B 214 -26.64 29.48 0.93
C ALA B 214 -25.77 30.48 0.14
N GLU B 215 -24.47 30.19 0.06
CA GLU B 215 -23.52 31.06 -0.62
C GLU B 215 -22.68 30.34 -1.69
N LEU B 216 -23.34 29.61 -2.59
CA LEU B 216 -22.62 28.85 -3.63
C LEU B 216 -22.07 29.74 -4.76
N ASP B 217 -22.19 31.05 -4.56
CA ASP B 217 -21.69 32.05 -5.52
C ASP B 217 -20.29 32.50 -5.15
N THR B 218 -19.89 32.18 -3.92
CA THR B 218 -18.56 32.49 -3.38
C THR B 218 -17.53 31.40 -3.74
N LEU B 219 -17.97 30.37 -4.45
CA LEU B 219 -17.06 29.31 -4.87
C LEU B 219 -16.20 29.78 -6.03
N SER B 220 -14.90 29.77 -5.86
CA SER B 220 -14.02 30.09 -6.97
C SER B 220 -13.81 28.82 -7.81
N GLU B 221 -13.50 29.03 -9.08
CA GLU B 221 -13.24 27.96 -10.03
C GLU B 221 -12.09 27.04 -9.57
N GLU B 222 -11.12 27.63 -8.87
CA GLU B 222 -9.96 26.89 -8.34
C GLU B 222 -10.29 25.89 -7.21
N SER B 223 -11.34 26.18 -6.45
CA SER B 223 -11.63 25.39 -5.25
C SER B 223 -13.01 24.72 -5.27
N TYR B 224 -13.81 24.98 -6.31
CA TYR B 224 -15.22 24.59 -6.28
C TYR B 224 -15.45 23.06 -6.27
N LYS B 225 -14.45 22.30 -6.71
CA LYS B 225 -14.48 20.83 -6.64
C LYS B 225 -14.13 20.34 -5.22
N ASP B 226 -13.04 20.87 -4.69
CA ASP B 226 -12.62 20.63 -3.32
C ASP B 226 -13.73 20.94 -2.23
N SER B 227 -14.37 22.11 -2.34
CA SER B 227 -15.40 22.55 -1.39
C SER B 227 -16.62 21.66 -1.48
N THR B 228 -17.06 21.50 -2.73
CA THR B 228 -18.24 20.74 -3.14
C THR B 228 -18.14 19.26 -2.74
N LEU B 229 -16.93 18.69 -2.88
CA LEU B 229 -16.66 17.36 -2.33
C LEU B 229 -16.81 17.30 -0.81
N ILE B 230 -16.23 18.24 -0.10
CA ILE B 230 -16.27 18.26 1.35
C ILE B 230 -17.67 18.51 1.89
N MET B 231 -18.49 19.24 1.15
CA MET B 231 -19.87 19.46 1.59
C MET B 231 -20.68 18.17 1.47
N GLN B 232 -20.41 17.40 0.42
CA GLN B 232 -21.03 16.08 0.25
C GLN B 232 -20.64 15.15 1.40
N LEU B 233 -19.40 15.23 1.85
CA LEU B 233 -18.92 14.42 2.95
C LEU B 233 -19.59 14.76 4.25
N LEU B 234 -19.86 16.06 4.40
CA LEU B 234 -20.68 16.61 5.48
C LEU B 234 -22.10 16.04 5.51
N ARG B 235 -22.81 16.09 4.40
CA ARG B 235 -24.14 15.56 4.40
C ARG B 235 -24.13 14.05 4.64
N ASP B 236 -23.20 13.35 4.01
CA ASP B 236 -23.04 11.91 4.22
C ASP B 236 -22.94 11.60 5.71
N ASN B 237 -22.02 12.27 6.39
CA ASN B 237 -21.85 12.08 7.84
C ASN B 237 -23.13 12.33 8.65
N LEU B 238 -23.88 13.36 8.28
CA LEU B 238 -25.17 13.68 8.90
C LEU B 238 -26.18 12.57 8.62
N THR B 239 -26.20 12.13 7.38
CA THR B 239 -27.09 11.07 6.95
C THR B 239 -26.80 9.78 7.74
N LEU B 240 -25.51 9.44 7.85
CA LEU B 240 -25.09 8.30 8.68
C LEU B 240 -25.53 8.51 10.10
N TRP B 241 -25.25 9.69 10.65
CA TRP B 241 -25.53 9.93 12.05
C TRP B 241 -27.02 10.15 12.33
N THR B 242 -27.84 9.90 11.33
CA THR B 242 -29.30 9.83 11.49
C THR B 242 -29.85 8.47 11.04
N SER B 243 -29.01 7.68 10.37
CA SER B 243 -29.40 6.42 9.69
C SER B 243 -30.44 5.57 10.44
N ALA C 1 -3.39 -5.27 -18.85
CA ALA C 1 -2.18 -5.92 -19.42
C ALA C 1 -2.16 -7.44 -19.14
N ARG C 2 -1.00 -8.06 -19.36
CA ARG C 2 -0.79 -9.52 -19.26
C ARG C 2 -0.77 -10.01 -17.81
N LYS C 3 -1.55 -11.04 -17.59
CA LYS C 3 -1.72 -11.57 -16.27
C LYS C 3 -0.64 -12.57 -15.94
N THR C 5 0.60 -14.89 -12.30
CA THR C 5 0.47 -15.29 -10.91
C THR C 5 0.92 -14.18 -9.92
N GLY C 6 1.75 -13.25 -10.38
CA GLY C 6 2.36 -12.28 -9.46
C GLY C 6 1.84 -10.86 -9.39
N GLY C 7 0.70 -10.59 -10.02
CA GLY C 7 0.07 -9.25 -9.95
C GLY C 7 -1.27 -9.22 -9.21
N LYS C 8 -1.80 -8.01 -9.03
CA LYS C 8 -3.12 -7.84 -8.44
C LYS C 8 -3.12 -8.40 -7.02
N ALA D 1 -17.52 3.88 6.80
CA ALA D 1 -18.43 4.77 7.59
C ALA D 1 -17.88 6.22 7.59
N ARG D 2 -17.81 6.86 8.77
CA ARG D 2 -17.61 8.32 8.88
C ARG D 2 -16.44 8.93 8.10
N LYS D 3 -16.81 9.91 7.28
CA LYS D 3 -15.90 10.57 6.38
C LYS D 3 -15.09 11.65 7.09
N THR D 5 -11.49 14.19 6.34
CA THR D 5 -10.53 14.74 5.40
C THR D 5 -9.36 13.77 5.16
N GLY D 6 -8.92 13.06 6.21
CA GLY D 6 -7.82 12.07 6.12
C GLY D 6 -8.14 10.60 5.85
N GLY D 7 -9.29 10.32 5.25
CA GLY D 7 -9.58 8.95 4.77
C GLY D 7 -9.32 8.77 3.28
N LYS D 8 -9.63 7.58 2.76
CA LYS D 8 -9.65 7.27 1.30
C LYS D 8 -8.52 7.94 0.52
#